data_6Q2U
#
_entry.id   6Q2U
#
_cell.length_a   61.408
_cell.length_b   61.408
_cell.length_c   173.262
_cell.angle_alpha   90.000
_cell.angle_beta   90.000
_cell.angle_gamma   120.000
#
_symmetry.space_group_name_H-M   'P 61 2 2'
#
loop_
_entity.id
_entity.type
_entity.pdbx_description
1 polymer 'Cytochrome c4'
2 non-polymer 'HEME C'
3 water water
#
_entity_poly.entity_id   1
_entity_poly.type   'polypeptide(L)'
_entity_poly.pdbx_seq_one_letter_code
;AGDAAAGQAKAAVCGACHGADGNSPAPNFPKLAGQGERYLLKQMHDIKDGKRTVLEMTGLLTNLSDQDLADIAAYFASQK
MSVGMADPNLVAQGEALFRGGKIAEGMPACTGCHSPSGVGIATAGFPHLGGQHATYVAKQLTDFREGTRTNDGDTKIMQS
IAAKLSNKDIAAISSYIQGLH
;
_entity_poly.pdbx_strand_id   A
#
# COMPACT_ATOMS: atom_id res chain seq x y z
N ALA A 1 -8.23 -16.42 -10.93
CA ALA A 1 -9.31 -15.47 -11.19
C ALA A 1 -10.35 -15.49 -10.07
N GLY A 2 -10.47 -14.36 -9.36
CA GLY A 2 -11.41 -14.27 -8.28
C GLY A 2 -12.78 -13.76 -8.70
N ASP A 3 -13.78 -14.06 -7.88
CA ASP A 3 -15.16 -13.64 -8.08
C ASP A 3 -15.43 -12.47 -7.13
N ALA A 4 -15.44 -11.25 -7.69
CA ALA A 4 -15.64 -10.06 -6.85
C ALA A 4 -16.95 -10.14 -6.08
N ALA A 5 -18.02 -10.61 -6.73
CA ALA A 5 -19.32 -10.71 -6.05
C ALA A 5 -19.23 -11.64 -4.84
N ALA A 6 -18.57 -12.79 -5.00
CA ALA A 6 -18.40 -13.71 -3.87
C ALA A 6 -17.46 -13.14 -2.81
N GLY A 7 -16.51 -12.30 -3.24
CA GLY A 7 -15.54 -11.76 -2.30
C GLY A 7 -16.14 -10.78 -1.31
N GLN A 8 -17.20 -10.07 -1.70
CA GLN A 8 -17.76 -9.04 -0.84
C GLN A 8 -18.14 -9.61 0.53
N ALA A 9 -18.90 -10.71 0.56
CA ALA A 9 -19.25 -11.32 1.85
C ALA A 9 -18.03 -11.86 2.57
N LYS A 10 -17.11 -12.50 1.84
CA LYS A 10 -15.91 -13.02 2.48
C LYS A 10 -15.01 -11.92 3.00
N ALA A 11 -15.20 -10.69 2.56
CA ALA A 11 -14.38 -9.58 3.02
C ALA A 11 -14.97 -8.89 4.23
N ALA A 12 -16.15 -9.35 4.71
CA ALA A 12 -16.83 -8.64 5.79
C ALA A 12 -15.96 -8.55 7.04
N VAL A 13 -15.23 -9.62 7.36
CA VAL A 13 -14.40 -9.61 8.55
C VAL A 13 -13.26 -8.59 8.41
N CYS A 14 -12.87 -8.27 7.17
CA CYS A 14 -11.78 -7.31 6.94
C CYS A 14 -12.21 -5.87 7.14
N GLY A 15 -13.52 -5.58 7.04
CA GLY A 15 -14.00 -4.21 7.07
C GLY A 15 -13.82 -3.52 8.41
N ALA A 16 -13.72 -4.29 9.50
CA ALA A 16 -13.52 -3.68 10.81
C ALA A 16 -12.30 -2.74 10.81
N CYS A 17 -11.23 -3.12 10.10
CA CYS A 17 -10.04 -2.27 10.04
C CYS A 17 -9.86 -1.59 8.70
N HIS A 18 -10.19 -2.26 7.60
CA HIS A 18 -9.89 -1.73 6.28
C HIS A 18 -11.07 -0.98 5.66
N GLY A 19 -12.21 -0.94 6.33
CA GLY A 19 -13.39 -0.33 5.76
C GLY A 19 -14.25 -1.35 5.02
N ALA A 20 -15.57 -1.11 5.06
CA ALA A 20 -16.52 -2.02 4.41
C ALA A 20 -16.19 -2.24 2.94
N ASP A 21 -15.77 -1.18 2.26
CA ASP A 21 -15.42 -1.21 0.85
C ASP A 21 -13.91 -1.21 0.62
N GLY A 22 -13.12 -1.31 1.67
CA GLY A 22 -11.68 -1.19 1.57
C GLY A 22 -11.17 0.23 1.76
N ASN A 23 -12.04 1.20 2.02
CA ASN A 23 -11.58 2.57 2.23
C ASN A 23 -11.56 2.81 3.74
N SER A 24 -10.43 2.51 4.35
CA SER A 24 -10.32 2.57 5.79
CA SER A 24 -10.31 2.57 5.80
C SER A 24 -10.45 4.01 6.30
N PRO A 25 -11.16 4.23 7.38
CA PRO A 25 -11.28 5.59 7.92
C PRO A 25 -10.08 6.00 8.77
N ALA A 26 -9.40 5.02 9.37
CA ALA A 26 -8.29 5.30 10.30
C ALA A 26 -6.95 5.21 9.58
N PRO A 27 -6.05 6.18 9.76
CA PRO A 27 -4.83 6.23 8.92
C PRO A 27 -3.82 5.15 9.21
N ASN A 28 -3.94 4.41 10.32
CA ASN A 28 -3.01 3.32 10.58
C ASN A 28 -3.25 2.12 9.69
N PHE A 29 -4.47 1.91 9.25
CA PHE A 29 -4.84 0.77 8.43
C PHE A 29 -4.88 1.16 6.97
N PRO A 30 -4.21 0.43 6.07
CA PRO A 30 -4.16 0.87 4.68
C PRO A 30 -5.50 0.67 3.98
N LYS A 31 -5.82 1.61 3.10
CA LYS A 31 -6.91 1.39 2.16
C LYS A 31 -6.56 0.23 1.24
N LEU A 32 -7.54 -0.68 1.05
CA LEU A 32 -7.40 -1.75 0.08
C LEU A 32 -8.21 -1.51 -1.20
N ALA A 33 -9.19 -0.60 -1.15
CA ALA A 33 -10.04 -0.35 -2.31
C ALA A 33 -9.22 0.11 -3.51
N GLY A 34 -9.51 -0.46 -4.67
CA GLY A 34 -8.84 0.01 -5.89
C GLY A 34 -7.43 -0.49 -6.07
N GLN A 35 -6.90 -1.25 -5.10
CA GLN A 35 -5.56 -1.80 -5.23
C GLN A 35 -5.56 -2.90 -6.31
N GLY A 36 -4.42 -3.10 -6.95
CA GLY A 36 -4.34 -4.12 -7.98
C GLY A 36 -4.60 -5.51 -7.41
N GLU A 37 -5.37 -6.31 -8.14
CA GLU A 37 -5.74 -7.63 -7.64
C GLU A 37 -4.52 -8.50 -7.40
N ARG A 38 -3.52 -8.41 -8.29
CA ARG A 38 -2.34 -9.27 -8.15
C ARG A 38 -1.49 -8.83 -6.97
N TYR A 39 -1.34 -7.51 -6.77
CA TYR A 39 -0.62 -7.02 -5.61
C TYR A 39 -1.33 -7.43 -4.32
N LEU A 40 -2.65 -7.23 -4.28
CA LEU A 40 -3.40 -7.60 -3.07
C LEU A 40 -3.22 -9.08 -2.76
N LEU A 41 -3.31 -9.94 -3.79
CA LEU A 41 -3.23 -11.37 -3.55
C LEU A 41 -1.84 -11.76 -3.07
N LYS A 42 -0.79 -11.16 -3.63
CA LYS A 42 0.57 -11.44 -3.18
C LYS A 42 0.78 -11.04 -1.72
N GLN A 43 0.32 -9.83 -1.35
CA GLN A 43 0.42 -9.41 0.05
C GLN A 43 -0.33 -10.36 0.99
N MET A 44 -1.52 -10.80 0.60
CA MET A 44 -2.28 -11.74 1.43
C MET A 44 -1.49 -13.02 1.67
N HIS A 45 -0.84 -13.55 0.62
CA HIS A 45 -0.04 -14.77 0.81
C HIS A 45 1.19 -14.49 1.65
N ASP A 46 1.83 -13.33 1.45
CA ASP A 46 2.99 -12.96 2.26
C ASP A 46 2.61 -12.81 3.73
N ILE A 47 1.47 -12.18 4.01
CA ILE A 47 1.03 -12.05 5.40
C ILE A 47 0.66 -13.42 5.96
N LYS A 48 -0.05 -14.24 5.18
CA LYS A 48 -0.50 -15.54 5.68
C LYS A 48 0.67 -16.43 6.05
N ASP A 49 1.74 -16.43 5.25
CA ASP A 49 2.84 -17.34 5.52
C ASP A 49 4.02 -16.67 6.22
N GLY A 50 3.89 -15.41 6.60
CA GLY A 50 4.89 -14.73 7.41
C GLY A 50 6.00 -14.01 6.67
N LYS A 51 5.98 -13.99 5.34
CA LYS A 51 6.96 -13.20 4.59
C LYS A 51 6.81 -11.72 4.86
N ARG A 52 5.63 -11.31 5.30
CA ARG A 52 5.37 -9.96 5.79
C ARG A 52 4.54 -10.09 7.04
N THR A 53 5.08 -9.65 8.16
CA THR A 53 4.44 -9.89 9.46
C THR A 53 3.48 -8.76 9.76
N VAL A 54 2.20 -9.09 9.92
CA VAL A 54 1.19 -8.15 10.37
C VAL A 54 0.54 -8.79 11.59
N LEU A 55 1.05 -8.44 12.78
CA LEU A 55 0.57 -9.08 13.99
C LEU A 55 -0.90 -8.77 14.25
N GLU A 56 -1.36 -7.58 13.83
CA GLU A 56 -2.76 -7.22 13.97
C GLU A 56 -3.69 -8.16 13.20
N MET A 57 -3.16 -8.92 12.24
CA MET A 57 -3.99 -9.81 11.44
C MET A 57 -3.79 -11.27 11.80
N THR A 58 -3.04 -11.57 12.86
CA THR A 58 -2.78 -12.95 13.28
C THR A 58 -4.06 -13.78 13.30
N GLY A 59 -4.06 -14.86 12.53
CA GLY A 59 -5.16 -15.80 12.49
C GLY A 59 -6.27 -15.49 11.52
N LEU A 60 -6.26 -14.31 10.88
CA LEU A 60 -7.39 -13.94 10.04
C LEU A 60 -7.37 -14.64 8.68
N LEU A 61 -6.18 -14.90 8.13
CA LEU A 61 -6.08 -15.50 6.82
C LEU A 61 -5.89 -17.02 6.87
N THR A 62 -5.66 -17.55 8.08
CA THR A 62 -5.27 -18.95 8.24
C THR A 62 -6.19 -19.92 7.50
N ASN A 63 -7.50 -19.73 7.60
CA ASN A 63 -8.47 -20.69 7.09
C ASN A 63 -9.12 -20.26 5.79
N LEU A 64 -8.59 -19.25 5.13
CA LEU A 64 -9.10 -18.84 3.82
C LEU A 64 -8.38 -19.64 2.74
N SER A 65 -9.16 -20.25 1.85
CA SER A 65 -8.60 -20.98 0.73
C SER A 65 -7.95 -20.00 -0.24
N ASP A 66 -7.18 -20.55 -1.17
CA ASP A 66 -6.61 -19.69 -2.21
C ASP A 66 -7.71 -19.10 -3.09
N GLN A 67 -8.83 -19.81 -3.24
CA GLN A 67 -9.95 -19.23 -3.96
C GLN A 67 -10.61 -18.12 -3.15
N ASP A 68 -10.77 -18.32 -1.84
CA ASP A 68 -11.30 -17.27 -0.97
C ASP A 68 -10.46 -16.00 -1.08
N LEU A 69 -9.13 -16.14 -1.06
CA LEU A 69 -8.26 -14.98 -1.15
C LEU A 69 -8.39 -14.30 -2.51
N ALA A 70 -8.54 -15.09 -3.58
CA ALA A 70 -8.68 -14.49 -4.89
C ALA A 70 -9.99 -13.73 -5.01
N ASP A 71 -11.06 -14.27 -4.43
CA ASP A 71 -12.34 -13.57 -4.43
C ASP A 71 -12.24 -12.25 -3.67
N ILE A 72 -11.62 -12.28 -2.49
CA ILE A 72 -11.49 -11.07 -1.67
C ILE A 72 -10.66 -10.03 -2.41
N ALA A 73 -9.52 -10.45 -2.95
CA ALA A 73 -8.68 -9.54 -3.73
C ALA A 73 -9.47 -8.94 -4.88
N ALA A 74 -10.26 -9.77 -5.56
CA ALA A 74 -11.08 -9.28 -6.67
C ALA A 74 -12.10 -8.27 -6.18
N TYR A 75 -12.70 -8.53 -5.02
CA TYR A 75 -13.66 -7.60 -4.47
C TYR A 75 -13.01 -6.24 -4.22
N PHE A 76 -11.88 -6.20 -3.52
CA PHE A 76 -11.28 -4.91 -3.22
C PHE A 76 -10.79 -4.22 -4.49
N ALA A 77 -10.19 -4.97 -5.41
CA ALA A 77 -9.76 -4.42 -6.69
C ALA A 77 -10.91 -3.81 -7.48
N SER A 78 -12.15 -4.25 -7.24
CA SER A 78 -13.28 -3.68 -7.97
C SER A 78 -13.76 -2.37 -7.37
N GLN A 79 -13.31 -2.01 -6.17
CA GLN A 79 -13.65 -0.74 -5.55
C GLN A 79 -12.72 0.36 -6.06
N LYS A 80 -12.86 1.56 -5.51
CA LYS A 80 -12.05 2.70 -5.90
C LYS A 80 -11.50 3.38 -4.66
N MET A 81 -10.19 3.60 -4.64
CA MET A 81 -9.56 4.20 -3.47
C MET A 81 -9.97 5.65 -3.34
N SER A 82 -10.45 6.02 -2.15
CA SER A 82 -10.79 7.41 -1.90
C SER A 82 -9.53 8.27 -1.76
N VAL A 83 -9.67 9.57 -2.06
CA VAL A 83 -8.53 10.48 -2.14
C VAL A 83 -8.63 11.52 -1.03
N GLY A 84 -7.53 11.73 -0.32
CA GLY A 84 -7.45 12.70 0.74
C GLY A 84 -6.89 14.03 0.28
N MET A 85 -6.29 14.77 1.22
CA MET A 85 -5.67 16.07 0.97
C MET A 85 -4.22 16.06 1.44
N ALA A 86 -3.35 16.66 0.64
CA ALA A 86 -1.96 16.83 1.05
C ALA A 86 -1.84 18.04 1.98
N ASP A 87 -0.76 18.05 2.74
CA ASP A 87 -0.40 19.20 3.57
C ASP A 87 0.25 20.27 2.69
N PRO A 88 -0.30 21.48 2.61
CA PRO A 88 0.29 22.50 1.72
C PRO A 88 1.73 22.84 2.03
N ASN A 89 2.19 22.63 3.28
CA ASN A 89 3.58 22.90 3.62
C ASN A 89 4.55 21.85 3.09
N LEU A 90 4.06 20.66 2.75
CA LEU A 90 4.91 19.55 2.32
C LEU A 90 4.69 19.13 0.88
N VAL A 91 3.61 19.56 0.25
CA VAL A 91 3.17 18.95 -1.00
C VAL A 91 4.17 19.21 -2.15
N ALA A 92 4.76 20.42 -2.20
CA ALA A 92 5.67 20.73 -3.30
C ALA A 92 6.91 19.84 -3.26
N GLN A 93 7.54 19.73 -2.08
CA GLN A 93 8.68 18.82 -1.96
C GLN A 93 8.27 17.39 -2.28
N GLY A 94 7.10 16.97 -1.81
CA GLY A 94 6.68 15.59 -2.02
C GLY A 94 6.37 15.30 -3.48
N GLU A 95 5.69 16.24 -4.16
CA GLU A 95 5.37 16.03 -5.56
C GLU A 95 6.63 16.08 -6.43
N ALA A 96 7.56 16.99 -6.11
CA ALA A 96 8.80 17.08 -6.88
C ALA A 96 9.60 15.78 -6.80
N LEU A 97 9.66 15.17 -5.61
CA LEU A 97 10.32 13.87 -5.47
C LEU A 97 9.55 12.78 -6.20
N PHE A 98 8.23 12.80 -6.09
CA PHE A 98 7.42 11.74 -6.70
C PHE A 98 7.55 11.74 -8.22
N ARG A 99 7.50 12.93 -8.83
CA ARG A 99 7.57 13.02 -10.29
C ARG A 99 8.99 13.06 -10.82
N GLY A 100 9.95 13.58 -10.04
CA GLY A 100 11.28 13.82 -10.53
C GLY A 100 12.35 12.93 -9.93
N GLY A 101 12.04 12.26 -8.81
CA GLY A 101 13.07 11.45 -8.19
C GLY A 101 14.17 12.30 -7.56
N LYS A 102 15.33 11.67 -7.37
CA LYS A 102 16.53 12.34 -6.89
C LYS A 102 17.63 12.00 -7.88
N ILE A 103 17.65 12.74 -9.00
CA ILE A 103 18.51 12.37 -10.12
C ILE A 103 19.97 12.33 -9.68
N ALA A 104 20.36 13.25 -8.80
CA ALA A 104 21.75 13.35 -8.39
C ALA A 104 22.22 12.08 -7.70
N GLU A 105 21.34 11.45 -6.90
CA GLU A 105 21.70 10.26 -6.13
C GLU A 105 21.26 8.97 -6.79
N GLY A 106 20.94 9.02 -8.08
CA GLY A 106 20.49 7.82 -8.77
C GLY A 106 19.20 7.22 -8.28
N MET A 107 18.31 8.01 -7.69
CA MET A 107 17.01 7.49 -7.28
C MET A 107 15.98 7.81 -8.35
N PRO A 108 15.39 6.80 -8.99
CA PRO A 108 14.36 7.08 -10.00
C PRO A 108 13.10 7.66 -9.39
N ALA A 109 12.36 8.38 -10.23
CA ALA A 109 11.07 8.91 -9.86
C ALA A 109 10.08 7.79 -9.55
N CYS A 110 9.13 8.07 -8.66
CA CYS A 110 8.14 7.07 -8.32
C CYS A 110 7.19 6.80 -9.48
N THR A 111 6.98 7.78 -10.36
CA THR A 111 6.05 7.63 -11.47
C THR A 111 6.47 6.56 -12.48
N GLY A 112 7.73 6.12 -12.45
CA GLY A 112 8.14 5.06 -13.34
C GLY A 112 7.38 3.76 -13.13
N CYS A 113 7.17 3.39 -11.87
CA CYS A 113 6.52 2.12 -11.53
C CYS A 113 5.12 2.27 -10.95
N HIS A 114 4.83 3.39 -10.29
CA HIS A 114 3.55 3.58 -9.60
C HIS A 114 2.60 4.48 -10.39
N SER A 115 2.62 4.39 -11.72
CA SER A 115 1.79 5.17 -12.65
C SER A 115 2.22 6.62 -12.72
N PHE A 126 2.89 -3.56 -9.78
CA PHE A 126 2.72 -2.20 -9.26
C PHE A 126 1.47 -2.08 -8.39
N PRO A 127 1.65 -1.60 -7.16
CA PRO A 127 0.49 -1.23 -6.34
C PRO A 127 0.07 0.21 -6.50
N HIS A 128 -1.24 0.42 -6.38
CA HIS A 128 -1.84 1.75 -6.39
C HIS A 128 -1.45 2.51 -5.13
N LEU A 129 -1.07 3.77 -5.29
CA LEU A 129 -0.66 4.59 -4.16
C LEU A 129 -1.57 5.78 -3.90
N GLY A 130 -2.10 6.41 -4.96
CA GLY A 130 -2.82 7.66 -4.85
C GLY A 130 -4.05 7.61 -3.97
N GLY A 131 -4.09 8.44 -2.92
CA GLY A 131 -5.16 8.42 -1.96
C GLY A 131 -4.87 7.62 -0.70
N GLN A 132 -3.79 6.85 -0.69
CA GLN A 132 -3.45 6.05 0.49
C GLN A 132 -3.13 6.97 1.68
N HIS A 133 -3.49 6.53 2.89
CA HIS A 133 -3.17 7.32 4.09
C HIS A 133 -1.70 7.64 4.18
N ALA A 134 -1.38 8.91 4.47
CA ALA A 134 0.01 9.32 4.60
C ALA A 134 0.72 8.57 5.72
N THR A 135 0.03 8.38 6.86
CA THR A 135 0.64 7.64 7.96
C THR A 135 1.08 6.26 7.51
N TYR A 136 0.25 5.58 6.73
CA TYR A 136 0.59 4.21 6.30
C TYR A 136 1.73 4.23 5.30
N VAL A 137 1.70 5.14 4.32
CA VAL A 137 2.77 5.22 3.33
C VAL A 137 4.11 5.52 3.99
N ALA A 138 4.11 6.47 4.93
CA ALA A 138 5.37 6.80 5.61
C ALA A 138 5.92 5.59 6.33
N LYS A 139 5.04 4.81 6.97
CA LYS A 139 5.51 3.61 7.67
C LYS A 139 6.12 2.61 6.71
N GLN A 140 5.53 2.43 5.53
CA GLN A 140 6.08 1.50 4.55
C GLN A 140 7.42 1.98 4.02
N LEU A 141 7.53 3.26 3.64
CA LEU A 141 8.81 3.78 3.17
C LEU A 141 9.87 3.65 4.26
N THR A 142 9.51 3.90 5.52
CA THR A 142 10.50 3.77 6.59
C THR A 142 10.87 2.31 6.82
N ASP A 143 9.88 1.41 6.79
CA ASP A 143 10.17 -0.01 6.95
C ASP A 143 11.05 -0.53 5.82
N PHE A 144 10.74 -0.15 4.58
CA PHE A 144 11.58 -0.49 3.45
C PHE A 144 13.02 -0.02 3.68
N ARG A 145 13.18 1.23 4.11
CA ARG A 145 14.51 1.79 4.29
C ARG A 145 15.27 1.06 5.40
N GLU A 146 14.59 0.73 6.48
CA GLU A 146 15.22 0.06 7.62
C GLU A 146 15.32 -1.44 7.42
N GLY A 147 14.83 -1.97 6.31
CA GLY A 147 14.87 -3.40 6.09
C GLY A 147 13.92 -4.21 6.96
N THR A 148 12.91 -3.57 7.55
CA THR A 148 11.94 -4.36 8.32
C THR A 148 10.85 -4.93 7.42
N ARG A 149 10.54 -4.29 6.29
CA ARG A 149 9.73 -4.91 5.25
C ARG A 149 10.66 -5.39 4.14
N THR A 150 10.60 -6.68 3.83
CA THR A 150 11.53 -7.30 2.88
C THR A 150 10.85 -8.14 1.81
N ASN A 151 9.53 -8.03 1.64
CA ASN A 151 8.84 -8.85 0.64
C ASN A 151 8.80 -8.19 -0.73
N ASP A 152 9.83 -7.42 -1.08
CA ASP A 152 9.95 -6.81 -2.42
C ASP A 152 10.90 -7.60 -3.31
N GLY A 153 10.81 -8.93 -3.31
CA GLY A 153 11.56 -9.76 -4.24
C GLY A 153 13.04 -9.85 -3.93
N ASP A 154 13.75 -10.61 -4.79
CA ASP A 154 15.18 -10.79 -4.67
C ASP A 154 15.95 -9.52 -5.02
N THR A 155 15.33 -8.63 -5.81
CA THR A 155 15.94 -7.36 -6.19
C THR A 155 16.07 -6.40 -5.01
N LYS A 156 15.05 -6.37 -4.13
CA LYS A 156 14.96 -5.39 -3.05
C LYS A 156 14.91 -3.97 -3.61
N ILE A 157 14.05 -3.76 -4.62
CA ILE A 157 13.97 -2.44 -5.27
C ILE A 157 13.56 -1.39 -4.26
N MET A 158 12.43 -1.63 -3.58
CA MET A 158 11.90 -0.60 -2.70
C MET A 158 12.84 -0.33 -1.54
N GLN A 159 13.54 -1.35 -1.04
CA GLN A 159 14.52 -1.12 0.01
C GLN A 159 15.65 -0.23 -0.50
N SER A 160 16.10 -0.45 -1.73
CA SER A 160 17.17 0.36 -2.30
C SER A 160 16.70 1.77 -2.62
N ILE A 161 15.45 1.92 -3.05
CA ILE A 161 14.90 3.24 -3.32
C ILE A 161 14.72 4.03 -2.04
N ALA A 162 14.08 3.41 -1.04
CA ALA A 162 13.84 4.10 0.23
C ALA A 162 15.13 4.44 0.97
N ALA A 163 16.22 3.73 0.68
CA ALA A 163 17.52 4.05 1.28
C ALA A 163 17.93 5.49 0.99
N LYS A 164 17.46 6.06 -0.12
CA LYS A 164 17.86 7.40 -0.53
C LYS A 164 16.96 8.49 0.06
N LEU A 165 15.93 8.14 0.83
CA LEU A 165 14.98 9.13 1.33
C LEU A 165 15.29 9.48 2.78
N SER A 166 15.39 10.79 3.06
CA SER A 166 15.43 11.27 4.43
C SER A 166 14.05 11.17 5.09
N ASN A 167 14.03 11.38 6.40
CA ASN A 167 12.76 11.42 7.11
C ASN A 167 11.87 12.55 6.59
N LYS A 168 12.46 13.71 6.30
CA LYS A 168 11.67 14.81 5.74
C LYS A 168 11.12 14.43 4.37
N ASP A 169 11.95 13.78 3.53
CA ASP A 169 11.49 13.30 2.23
C ASP A 169 10.29 12.37 2.37
N ILE A 170 10.39 11.40 3.28
CA ILE A 170 9.30 10.43 3.47
C ILE A 170 8.02 11.15 3.90
N ALA A 171 8.12 12.08 4.85
CA ALA A 171 6.93 12.81 5.28
C ALA A 171 6.28 13.59 4.13
N ALA A 172 7.11 14.23 3.29
CA ALA A 172 6.58 15.05 2.20
C ALA A 172 5.98 14.20 1.09
N ILE A 173 6.70 13.16 0.65
CA ILE A 173 6.14 12.25 -0.36
C ILE A 173 4.85 11.61 0.16
N SER A 174 4.85 11.17 1.41
CA SER A 174 3.63 10.55 1.94
C SER A 174 2.46 11.51 1.90
N SER A 175 2.68 12.77 2.28
CA SER A 175 1.60 13.74 2.28
C SER A 175 1.09 13.98 0.85
N TYR A 176 2.00 14.08 -0.12
CA TYR A 176 1.60 14.25 -1.52
C TYR A 176 0.75 13.08 -2.01
N ILE A 177 1.20 11.86 -1.72
CA ILE A 177 0.50 10.67 -2.21
C ILE A 177 -0.92 10.63 -1.66
N GLN A 178 -1.11 11.07 -0.41
CA GLN A 178 -2.42 11.08 0.20
C GLN A 178 -3.43 11.90 -0.60
N GLY A 179 -3.00 12.96 -1.26
CA GLY A 179 -3.88 13.77 -2.06
C GLY A 179 -3.87 13.48 -3.54
N LEU A 180 -3.19 12.43 -3.97
CA LEU A 180 -2.91 12.23 -5.40
C LEU A 180 -4.08 11.55 -6.09
N HIS A 181 -4.60 12.20 -7.13
CA HIS A 181 -5.62 11.62 -8.02
C HIS A 181 -5.55 12.22 -9.43
#